data_2MTX
# 
_entry.id   2MTX 
# 
_audit_conform.dict_name       mmcif_pdbx.dic 
_audit_conform.dict_version    5.399 
_audit_conform.dict_location   http://mmcif.pdb.org/dictionaries/ascii/mmcif_pdbx.dic 
# 
loop_
_database_2.database_id 
_database_2.database_code 
_database_2.pdbx_database_accession 
_database_2.pdbx_DOI 
PDB   2MTX         pdb_00002mtx 10.2210/pdb2mtx/pdb 
RCSB  RCSB104040   ?            ?                   
BMRB  25190        ?            10.13018/BMR25190   
WWPDB D_1000104040 ?            ?                   
# 
loop_
_pdbx_audit_revision_history.ordinal 
_pdbx_audit_revision_history.data_content_type 
_pdbx_audit_revision_history.major_revision 
_pdbx_audit_revision_history.minor_revision 
_pdbx_audit_revision_history.revision_date 
1 'Structure model' 1 0 2015-02-04 
2 'Structure model' 1 1 2015-02-11 
3 'Structure model' 1 2 2023-06-14 
4 'Structure model' 1 3 2024-11-27 
# 
_pdbx_audit_revision_details.ordinal             1 
_pdbx_audit_revision_details.revision_ordinal    1 
_pdbx_audit_revision_details.data_content_type   'Structure model' 
_pdbx_audit_revision_details.provider            repository 
_pdbx_audit_revision_details.type                'Initial release' 
_pdbx_audit_revision_details.description         ? 
_pdbx_audit_revision_details.details             ? 
# 
loop_
_pdbx_audit_revision_group.ordinal 
_pdbx_audit_revision_group.revision_ordinal 
_pdbx_audit_revision_group.data_content_type 
_pdbx_audit_revision_group.group 
1 2 'Structure model' 'Structure summary'    
2 3 'Structure model' 'Data collection'      
3 3 'Structure model' 'Database references'  
4 3 'Structure model' 'Derived calculations' 
5 3 'Structure model' Other                  
6 4 'Structure model' 'Data collection'      
7 4 'Structure model' 'Database references'  
8 4 'Structure model' 'Structure summary'    
# 
loop_
_pdbx_audit_revision_category.ordinal 
_pdbx_audit_revision_category.revision_ordinal 
_pdbx_audit_revision_category.data_content_type 
_pdbx_audit_revision_category.category 
1  3 'Structure model' database_2                
2  3 'Structure model' pdbx_database_status      
3  3 'Structure model' pdbx_nmr_software         
4  3 'Structure model' struct_conn               
5  3 'Structure model' struct_ref_seq_dif        
6  4 'Structure model' chem_comp_atom            
7  4 'Structure model' chem_comp_bond            
8  4 'Structure model' database_2                
9  4 'Structure model' pdbx_entry_details        
10 4 'Structure model' pdbx_modification_feature 
# 
loop_
_pdbx_audit_revision_item.ordinal 
_pdbx_audit_revision_item.revision_ordinal 
_pdbx_audit_revision_item.data_content_type 
_pdbx_audit_revision_item.item 
1 3 'Structure model' '_database_2.pdbx_DOI'                       
2 3 'Structure model' '_database_2.pdbx_database_accession'        
3 3 'Structure model' '_pdbx_database_status.status_code_nmr_data' 
4 3 'Structure model' '_pdbx_nmr_software.name'                    
5 3 'Structure model' '_struct_conn.pdbx_leaving_atom_flag'        
6 3 'Structure model' '_struct_ref_seq_dif.details'                
7 4 'Structure model' '_database_2.pdbx_DOI'                       
# 
_pdbx_database_status.deposit_site                    BMRB 
_pdbx_database_status.entry_id                        2MTX 
_pdbx_database_status.methods_development_category    ? 
_pdbx_database_status.process_site                    RCSB 
_pdbx_database_status.recvd_initial_deposition_date   2014-09-01 
_pdbx_database_status.SG_entry                        ? 
_pdbx_database_status.status_code                     REL 
_pdbx_database_status.status_code_mr                  REL 
_pdbx_database_status.status_code_sf                  ? 
_pdbx_database_status.status_code_cs                  REL 
_pdbx_database_status.pdb_format_compatible           Y 
_pdbx_database_status.status_code_nmr_data            REL 
# 
_pdbx_database_related.db_id          25190 
_pdbx_database_related.db_name        BMRB 
_pdbx_database_related.content_type   unspecified 
_pdbx_database_related.details        . 
# 
loop_
_audit_author.name 
_audit_author.pdbx_ordinal 
'Cubillos, M.'    1 
'Salazar, L.'     2 
'Torres, L.'      3 
'Sandoval, M.'    4 
'Patarroyo, M.E.' 5 
# 
_citation.id                        primary 
_citation.title                     
'Protection against experimental P. falciparum malaria is associated with short AMA-1 peptide analogue   alpha-helical structures' 
_citation.journal_abbrev            'To be Published' 
_citation.journal_volume            ? 
_citation.page_first                ? 
_citation.page_last                 ? 
_citation.year                      ? 
_citation.journal_id_ASTM           ? 
_citation.country                   ? 
_citation.journal_id_ISSN           ? 
_citation.journal_id_CSD            0353 
_citation.book_publisher            ? 
_citation.pdbx_database_id_PubMed   ? 
_citation.pdbx_database_id_DOI      ? 
# 
loop_
_citation_author.citation_id 
_citation_author.name 
_citation_author.ordinal 
_citation_author.identifier_ORCID 
primary 'Cubillos, M.'    1 ? 
primary 'Salazar, L.'     2 ? 
primary 'Torres, L.'      3 ? 
primary 'Sandoval, M.'    4 ? 
primary 'Patarroyo, M.E.' 5 ? 
# 
_entity.id                         1 
_entity.type                       polymer 
_entity.src_method                 syn 
_entity.pdbx_description           'Apical membrane antigen-1' 
_entity.formula_weight             2271.683 
_entity.pdbx_number_of_molecules   1 
_entity.pdbx_ec                    ? 
_entity.pdbx_mutation              ? 
_entity.pdbx_fragment              'UNP residues 374-393' 
_entity.details                    ? 
# 
_entity_poly.entity_id                      1 
_entity_poly.type                           'polypeptide(L)' 
_entity_poly.nstd_linkage                   no 
_entity_poly.nstd_monomer                   yes 
_entity_poly.pdbx_seq_one_letter_code       'MIKSAFLPTGAFKADRYKSH(NH2)' 
_entity_poly.pdbx_seq_one_letter_code_can   MIKSAFLPTGAFKADRYKSHX 
_entity_poly.pdbx_strand_id                 A 
_entity_poly.pdbx_target_identifier         ? 
# 
loop_
_entity_poly_seq.entity_id 
_entity_poly_seq.num 
_entity_poly_seq.mon_id 
_entity_poly_seq.hetero 
1 1  MET n 
1 2  ILE n 
1 3  LYS n 
1 4  SER n 
1 5  ALA n 
1 6  PHE n 
1 7  LEU n 
1 8  PRO n 
1 9  THR n 
1 10 GLY n 
1 11 ALA n 
1 12 PHE n 
1 13 LYS n 
1 14 ALA n 
1 15 ASP n 
1 16 ARG n 
1 17 TYR n 
1 18 LYS n 
1 19 SER n 
1 20 HIS n 
1 21 NH2 n 
# 
_pdbx_entity_src_syn.entity_id              1 
_pdbx_entity_src_syn.pdbx_src_id            1 
_pdbx_entity_src_syn.pdbx_alt_source_flag   sample 
_pdbx_entity_src_syn.pdbx_beg_seq_num       ? 
_pdbx_entity_src_syn.pdbx_end_seq_num       ? 
_pdbx_entity_src_syn.organism_scientific    'Plasmodium falciparum' 
_pdbx_entity_src_syn.organism_common_name   ? 
_pdbx_entity_src_syn.ncbi_taxonomy_id       5833 
_pdbx_entity_src_syn.details                ? 
# 
loop_
_chem_comp.id 
_chem_comp.type 
_chem_comp.mon_nstd_flag 
_chem_comp.name 
_chem_comp.pdbx_synonyms 
_chem_comp.formula 
_chem_comp.formula_weight 
ALA 'L-peptide linking' y ALANINE         ? 'C3 H7 N O2'     89.093  
ARG 'L-peptide linking' y ARGININE        ? 'C6 H15 N4 O2 1' 175.209 
ASP 'L-peptide linking' y 'ASPARTIC ACID' ? 'C4 H7 N O4'     133.103 
GLY 'peptide linking'   y GLYCINE         ? 'C2 H5 N O2'     75.067  
HIS 'L-peptide linking' y HISTIDINE       ? 'C6 H10 N3 O2 1' 156.162 
ILE 'L-peptide linking' y ISOLEUCINE      ? 'C6 H13 N O2'    131.173 
LEU 'L-peptide linking' y LEUCINE         ? 'C6 H13 N O2'    131.173 
LYS 'L-peptide linking' y LYSINE          ? 'C6 H15 N2 O2 1' 147.195 
MET 'L-peptide linking' y METHIONINE      ? 'C5 H11 N O2 S'  149.211 
NH2 non-polymer         . 'AMINO GROUP'   ? 'H2 N'           16.023  
PHE 'L-peptide linking' y PHENYLALANINE   ? 'C9 H11 N O2'    165.189 
PRO 'L-peptide linking' y PROLINE         ? 'C5 H9 N O2'     115.130 
SER 'L-peptide linking' y SERINE          ? 'C3 H7 N O3'     105.093 
THR 'L-peptide linking' y THREONINE       ? 'C4 H9 N O3'     119.119 
TYR 'L-peptide linking' y TYROSINE        ? 'C9 H11 N O3'    181.189 
# 
loop_
_pdbx_poly_seq_scheme.asym_id 
_pdbx_poly_seq_scheme.entity_id 
_pdbx_poly_seq_scheme.seq_id 
_pdbx_poly_seq_scheme.mon_id 
_pdbx_poly_seq_scheme.ndb_seq_num 
_pdbx_poly_seq_scheme.pdb_seq_num 
_pdbx_poly_seq_scheme.auth_seq_num 
_pdbx_poly_seq_scheme.pdb_mon_id 
_pdbx_poly_seq_scheme.auth_mon_id 
_pdbx_poly_seq_scheme.pdb_strand_id 
_pdbx_poly_seq_scheme.pdb_ins_code 
_pdbx_poly_seq_scheme.hetero 
A 1 1  MET 1  1  1  MET MET A . n 
A 1 2  ILE 2  2  2  ILE ILE A . n 
A 1 3  LYS 3  3  3  LYS LYS A . n 
A 1 4  SER 4  4  4  SER SER A . n 
A 1 5  ALA 5  5  5  ALA ALA A . n 
A 1 6  PHE 6  6  6  PHE PHE A . n 
A 1 7  LEU 7  7  7  LEU LEU A . n 
A 1 8  PRO 8  8  8  PRO PRO A . n 
A 1 9  THR 9  9  9  THR THR A . n 
A 1 10 GLY 10 10 10 GLY GLY A . n 
A 1 11 ALA 11 11 11 ALA ALA A . n 
A 1 12 PHE 12 12 12 PHE PHE A . n 
A 1 13 LYS 13 13 13 LYS LYS A . n 
A 1 14 ALA 14 14 14 ALA ALA A . n 
A 1 15 ASP 15 15 15 ASP ASP A . n 
A 1 16 ARG 16 16 16 ARG ARG A . n 
A 1 17 TYR 17 17 17 TYR TYR A . n 
A 1 18 LYS 18 18 18 LYS LYS A . n 
A 1 19 SER 19 19 19 SER SER A . n 
A 1 20 HIS 20 20 20 HIS HIS A . n 
A 1 21 NH2 21 21 21 NH2 NH2 A . n 
# 
_exptl.absorpt_coefficient_mu     ? 
_exptl.absorpt_correction_T_max   ? 
_exptl.absorpt_correction_T_min   ? 
_exptl.absorpt_correction_type    ? 
_exptl.absorpt_process_details    ? 
_exptl.crystals_number            ? 
_exptl.details                    ? 
_exptl.entry_id                   2MTX 
_exptl.method                     'SOLUTION NMR' 
_exptl.method_details             ? 
# 
_struct.entry_id                  2MTX 
_struct.title                     
'Protection against experimental P. falciparum malaria is associated with short AMA-1 peptide analogue alpha-helical structures' 
_struct.pdbx_model_details        'lowest energy, model25' 
_struct.pdbx_CASP_flag            ? 
_struct.pdbx_model_type_details   ? 
# 
_struct_keywords.entry_id        2MTX 
_struct_keywords.pdbx_keywords   'PROTEIN BINDING' 
_struct_keywords.text            'domain II of AMA-1, PROTEIN BINDING' 
# 
_struct_asym.id                            A 
_struct_asym.pdbx_blank_PDB_chainid_flag   N 
_struct_asym.pdbx_modified                 N 
_struct_asym.entity_id                     1 
_struct_asym.details                       ? 
# 
_struct_ref.id                         1 
_struct_ref.db_name                    UNP 
_struct_ref.db_code                    Q9TY48_PLAFA 
_struct_ref.pdbx_db_accession          Q9TY48 
_struct_ref.entity_id                  1 
_struct_ref.pdbx_seq_one_letter_code   MIKSAFLPTGAFKADRYKSH 
_struct_ref.pdbx_align_begin           374 
_struct_ref.pdbx_db_isoform            ? 
# 
_struct_ref_seq.align_id                      1 
_struct_ref_seq.ref_id                        1 
_struct_ref_seq.pdbx_PDB_id_code              2MTX 
_struct_ref_seq.pdbx_strand_id                A 
_struct_ref_seq.seq_align_beg                 1 
_struct_ref_seq.pdbx_seq_align_beg_ins_code   ? 
_struct_ref_seq.seq_align_end                 20 
_struct_ref_seq.pdbx_seq_align_end_ins_code   ? 
_struct_ref_seq.pdbx_db_accession             Q9TY48 
_struct_ref_seq.db_align_beg                  374 
_struct_ref_seq.pdbx_db_align_beg_ins_code    ? 
_struct_ref_seq.db_align_end                  393 
_struct_ref_seq.pdbx_db_align_end_ins_code    ? 
_struct_ref_seq.pdbx_auth_seq_align_beg       1 
_struct_ref_seq.pdbx_auth_seq_align_end       20 
# 
_struct_ref_seq_dif.align_id                     1 
_struct_ref_seq_dif.pdbx_pdb_id_code             2MTX 
_struct_ref_seq_dif.mon_id                       NH2 
_struct_ref_seq_dif.pdbx_pdb_strand_id           A 
_struct_ref_seq_dif.seq_num                      21 
_struct_ref_seq_dif.pdbx_pdb_ins_code            ? 
_struct_ref_seq_dif.pdbx_seq_db_name             UNP 
_struct_ref_seq_dif.pdbx_seq_db_accession_code   Q9TY48 
_struct_ref_seq_dif.db_mon_id                    ? 
_struct_ref_seq_dif.pdbx_seq_db_seq_num          ? 
_struct_ref_seq_dif.details                      insertion 
_struct_ref_seq_dif.pdbx_auth_seq_num            21 
_struct_ref_seq_dif.pdbx_ordinal                 1 
# 
_pdbx_struct_assembly.id                   1 
_pdbx_struct_assembly.details              author_defined_assembly 
_pdbx_struct_assembly.method_details       ? 
_pdbx_struct_assembly.oligomeric_details   monomeric 
_pdbx_struct_assembly.oligomeric_count     1 
# 
_pdbx_struct_assembly_gen.assembly_id       1 
_pdbx_struct_assembly_gen.oper_expression   1 
_pdbx_struct_assembly_gen.asym_id_list      A 
# 
_pdbx_struct_oper_list.id                   1 
_pdbx_struct_oper_list.type                 'identity operation' 
_pdbx_struct_oper_list.name                 1_555 
_pdbx_struct_oper_list.symmetry_operation   x,y,z 
_pdbx_struct_oper_list.matrix[1][1]         1.0000000000 
_pdbx_struct_oper_list.matrix[1][2]         0.0000000000 
_pdbx_struct_oper_list.matrix[1][3]         0.0000000000 
_pdbx_struct_oper_list.vector[1]            0.0000000000 
_pdbx_struct_oper_list.matrix[2][1]         0.0000000000 
_pdbx_struct_oper_list.matrix[2][2]         1.0000000000 
_pdbx_struct_oper_list.matrix[2][3]         0.0000000000 
_pdbx_struct_oper_list.vector[2]            0.0000000000 
_pdbx_struct_oper_list.matrix[3][1]         0.0000000000 
_pdbx_struct_oper_list.matrix[3][2]         0.0000000000 
_pdbx_struct_oper_list.matrix[3][3]         1.0000000000 
_pdbx_struct_oper_list.vector[3]            0.0000000000 
# 
_struct_biol.id        1 
_struct_biol.details   ? 
# 
_struct_conf.conf_type_id            HELX_P 
_struct_conf.id                      HELX_P1 
_struct_conf.pdbx_PDB_helix_id       1 
_struct_conf.beg_label_comp_id       PHE 
_struct_conf.beg_label_asym_id       A 
_struct_conf.beg_label_seq_id        12 
_struct_conf.pdbx_beg_PDB_ins_code   ? 
_struct_conf.end_label_comp_id       TYR 
_struct_conf.end_label_asym_id       A 
_struct_conf.end_label_seq_id        17 
_struct_conf.pdbx_end_PDB_ins_code   ? 
_struct_conf.beg_auth_comp_id        PHE 
_struct_conf.beg_auth_asym_id        A 
_struct_conf.beg_auth_seq_id         12 
_struct_conf.end_auth_comp_id        TYR 
_struct_conf.end_auth_asym_id        A 
_struct_conf.end_auth_seq_id         17 
_struct_conf.pdbx_PDB_helix_class    1 
_struct_conf.details                 ? 
_struct_conf.pdbx_PDB_helix_length   6 
# 
_struct_conf_type.id          HELX_P 
_struct_conf_type.criteria    ? 
_struct_conf_type.reference   ? 
# 
_struct_conn.id                            covale1 
_struct_conn.conn_type_id                  covale 
_struct_conn.pdbx_leaving_atom_flag        both 
_struct_conn.pdbx_PDB_id                   ? 
_struct_conn.ptnr1_label_asym_id           A 
_struct_conn.ptnr1_label_comp_id           HIS 
_struct_conn.ptnr1_label_seq_id            20 
_struct_conn.ptnr1_label_atom_id           C 
_struct_conn.pdbx_ptnr1_label_alt_id       ? 
_struct_conn.pdbx_ptnr1_PDB_ins_code       ? 
_struct_conn.pdbx_ptnr1_standard_comp_id   ? 
_struct_conn.ptnr1_symmetry                1_555 
_struct_conn.ptnr2_label_asym_id           A 
_struct_conn.ptnr2_label_comp_id           NH2 
_struct_conn.ptnr2_label_seq_id            21 
_struct_conn.ptnr2_label_atom_id           N 
_struct_conn.pdbx_ptnr2_label_alt_id       ? 
_struct_conn.pdbx_ptnr2_PDB_ins_code       ? 
_struct_conn.ptnr1_auth_asym_id            A 
_struct_conn.ptnr1_auth_comp_id            HIS 
_struct_conn.ptnr1_auth_seq_id             20 
_struct_conn.ptnr2_auth_asym_id            A 
_struct_conn.ptnr2_auth_comp_id            NH2 
_struct_conn.ptnr2_auth_seq_id             21 
_struct_conn.ptnr2_symmetry                1_555 
_struct_conn.pdbx_ptnr3_label_atom_id      ? 
_struct_conn.pdbx_ptnr3_label_seq_id       ? 
_struct_conn.pdbx_ptnr3_label_comp_id      ? 
_struct_conn.pdbx_ptnr3_label_asym_id      ? 
_struct_conn.pdbx_ptnr3_label_alt_id       ? 
_struct_conn.pdbx_ptnr3_PDB_ins_code       ? 
_struct_conn.details                       ? 
_struct_conn.pdbx_dist_value               1.327 
_struct_conn.pdbx_value_order              ? 
_struct_conn.pdbx_role                     ? 
# 
_struct_conn_type.id          covale 
_struct_conn_type.criteria    ? 
_struct_conn_type.reference   ? 
# 
_pdbx_modification_feature.ordinal                            1 
_pdbx_modification_feature.label_comp_id                      NH2 
_pdbx_modification_feature.label_asym_id                      A 
_pdbx_modification_feature.label_seq_id                       21 
_pdbx_modification_feature.label_alt_id                       ? 
_pdbx_modification_feature.modified_residue_label_comp_id     HIS 
_pdbx_modification_feature.modified_residue_label_asym_id     A 
_pdbx_modification_feature.modified_residue_label_seq_id      20 
_pdbx_modification_feature.modified_residue_label_alt_id      ? 
_pdbx_modification_feature.auth_comp_id                       NH2 
_pdbx_modification_feature.auth_asym_id                       A 
_pdbx_modification_feature.auth_seq_id                        21 
_pdbx_modification_feature.PDB_ins_code                       ? 
_pdbx_modification_feature.symmetry                           1_555 
_pdbx_modification_feature.modified_residue_auth_comp_id      HIS 
_pdbx_modification_feature.modified_residue_auth_asym_id      A 
_pdbx_modification_feature.modified_residue_auth_seq_id       20 
_pdbx_modification_feature.modified_residue_PDB_ins_code      ? 
_pdbx_modification_feature.modified_residue_symmetry          1_555 
_pdbx_modification_feature.comp_id_linking_atom               . 
_pdbx_modification_feature.modified_residue_id_linking_atom   . 
_pdbx_modification_feature.modified_residue_id                HIS 
_pdbx_modification_feature.ref_pcm_id                         19 
_pdbx_modification_feature.ref_comp_id                        NH2 
_pdbx_modification_feature.type                               None 
_pdbx_modification_feature.category                           'Terminal amidation' 
# 
_pdbx_entry_details.entry_id                   2MTX 
_pdbx_entry_details.compound_details           ? 
_pdbx_entry_details.source_details             ? 
_pdbx_entry_details.nonpolymer_details         ? 
_pdbx_entry_details.sequence_details           ? 
_pdbx_entry_details.has_ligand_of_interest     ? 
_pdbx_entry_details.has_protein_modification   Y 
# 
loop_
_pdbx_validate_rmsd_angle.id 
_pdbx_validate_rmsd_angle.PDB_model_num 
_pdbx_validate_rmsd_angle.auth_atom_id_1 
_pdbx_validate_rmsd_angle.auth_asym_id_1 
_pdbx_validate_rmsd_angle.auth_comp_id_1 
_pdbx_validate_rmsd_angle.auth_seq_id_1 
_pdbx_validate_rmsd_angle.PDB_ins_code_1 
_pdbx_validate_rmsd_angle.label_alt_id_1 
_pdbx_validate_rmsd_angle.auth_atom_id_2 
_pdbx_validate_rmsd_angle.auth_asym_id_2 
_pdbx_validate_rmsd_angle.auth_comp_id_2 
_pdbx_validate_rmsd_angle.auth_seq_id_2 
_pdbx_validate_rmsd_angle.PDB_ins_code_2 
_pdbx_validate_rmsd_angle.label_alt_id_2 
_pdbx_validate_rmsd_angle.auth_atom_id_3 
_pdbx_validate_rmsd_angle.auth_asym_id_3 
_pdbx_validate_rmsd_angle.auth_comp_id_3 
_pdbx_validate_rmsd_angle.auth_seq_id_3 
_pdbx_validate_rmsd_angle.PDB_ins_code_3 
_pdbx_validate_rmsd_angle.label_alt_id_3 
_pdbx_validate_rmsd_angle.angle_value 
_pdbx_validate_rmsd_angle.angle_target_value 
_pdbx_validate_rmsd_angle.angle_deviation 
_pdbx_validate_rmsd_angle.angle_standard_deviation 
_pdbx_validate_rmsd_angle.linker_flag 
1 1 CB  A ASP 15 ? ? CG  A ASP 15 ? ? OD2 A ASP 15 ? ? 112.14 118.30 -6.16 0.90 N 
2 1 NE  A ARG 16 ? ? CZ  A ARG 16 ? ? NH1 A ARG 16 ? ? 123.97 120.30 3.67  0.50 N 
3 1 ND1 A HIS 20 ? ? CE1 A HIS 20 ? ? NE2 A HIS 20 ? ? 120.33 111.50 8.83  1.30 N 
# 
_pdbx_validate_torsion.id              1 
_pdbx_validate_torsion.PDB_model_num   1 
_pdbx_validate_torsion.auth_comp_id    ASP 
_pdbx_validate_torsion.auth_asym_id    A 
_pdbx_validate_torsion.auth_seq_id     15 
_pdbx_validate_torsion.PDB_ins_code    ? 
_pdbx_validate_torsion.label_alt_id    ? 
_pdbx_validate_torsion.phi             65.06 
_pdbx_validate_torsion.psi             82.12 
# 
_pdbx_nmr_ensemble.average_constraint_violations_per_residue     ? 
_pdbx_nmr_ensemble.average_constraints_per_residue               ? 
_pdbx_nmr_ensemble.average_distance_constraint_violation         ? 
_pdbx_nmr_ensemble.average_torsion_angle_constraint_violation    ? 
_pdbx_nmr_ensemble.conformer_selection_criteria                  'structures with the least restraint violations' 
_pdbx_nmr_ensemble.conformers_calculated_total_number            50 
_pdbx_nmr_ensemble.conformers_submitted_total_number             1 
_pdbx_nmr_ensemble.distance_constraint_violation_method          ? 
_pdbx_nmr_ensemble.entry_id                                      2MTX 
_pdbx_nmr_ensemble.maximum_distance_constraint_violation         ? 
_pdbx_nmr_ensemble.maximum_lower_distance_constraint_violation   ? 
_pdbx_nmr_ensemble.maximum_torsion_angle_constraint_violation    ? 
_pdbx_nmr_ensemble.maximum_upper_distance_constraint_violation   ? 
_pdbx_nmr_ensemble.representative_conformer                      25 
_pdbx_nmr_ensemble.torsion_angle_constraint_violation_method     ? 
# 
_pdbx_nmr_representative.conformer_id         1 
_pdbx_nmr_representative.entry_id             2MTX 
_pdbx_nmr_representative.selection_criteria   'lowest energy' 
# 
_pdbx_nmr_sample_details.contents         '8 mM protein, trifluoroethanol/water' 
_pdbx_nmr_sample_details.solution_id      1 
_pdbx_nmr_sample_details.solvent_system   trifluoroethanol/water 
# 
_pdbx_nmr_exptl_sample.component             entity-1 
_pdbx_nmr_exptl_sample.concentration         8 
_pdbx_nmr_exptl_sample.concentration_range   ? 
_pdbx_nmr_exptl_sample.concentration_units   mM 
_pdbx_nmr_exptl_sample.isotopic_labeling     ? 
_pdbx_nmr_exptl_sample.solution_id           1 
# 
_pdbx_nmr_exptl_sample_conditions.conditions_id       1 
_pdbx_nmr_exptl_sample_conditions.ionic_strength      ? 
_pdbx_nmr_exptl_sample_conditions.pH                  3.7 
_pdbx_nmr_exptl_sample_conditions.pressure            ambient 
_pdbx_nmr_exptl_sample_conditions.pressure_units      ? 
_pdbx_nmr_exptl_sample_conditions.temperature         295 
_pdbx_nmr_exptl_sample_conditions.temperature_units   K 
# 
loop_
_pdbx_nmr_exptl.conditions_id 
_pdbx_nmr_exptl.experiment_id 
_pdbx_nmr_exptl.solution_id 
_pdbx_nmr_exptl.type 
1 1 1 '2D DQF-COSY'    
1 2 1 '2D 1H-1H TOCSY' 
1 3 1 '2D 1H-1H NOESY' 
# 
_pdbx_nmr_refine.entry_id           2MTX 
_pdbx_nmr_refine.method             'distance geometry, simulated annealing' 
_pdbx_nmr_refine.details            ? 
_pdbx_nmr_refine.software_ordinal   1 
# 
loop_
_pdbx_nmr_software.authors 
_pdbx_nmr_software.classification 
_pdbx_nmr_software.name 
_pdbx_nmr_software.ordinal 
_pdbx_nmr_software.version 
'Accelrys Software Inc.' 'geometry optimization' 'Insight II' 1 ? 
'Accelrys Software Inc.' refinement              'Insight II' 2 ? 
# 
loop_
_chem_comp_atom.comp_id 
_chem_comp_atom.atom_id 
_chem_comp_atom.type_symbol 
_chem_comp_atom.pdbx_aromatic_flag 
_chem_comp_atom.pdbx_stereo_config 
_chem_comp_atom.pdbx_ordinal 
ALA N    N N N 1   
ALA CA   C N S 2   
ALA C    C N N 3   
ALA O    O N N 4   
ALA CB   C N N 5   
ALA OXT  O N N 6   
ALA H    H N N 7   
ALA H2   H N N 8   
ALA HA   H N N 9   
ALA HB1  H N N 10  
ALA HB2  H N N 11  
ALA HB3  H N N 12  
ALA HXT  H N N 13  
ARG N    N N N 14  
ARG CA   C N S 15  
ARG C    C N N 16  
ARG O    O N N 17  
ARG CB   C N N 18  
ARG CG   C N N 19  
ARG CD   C N N 20  
ARG NE   N N N 21  
ARG CZ   C N N 22  
ARG NH1  N N N 23  
ARG NH2  N N N 24  
ARG OXT  O N N 25  
ARG H    H N N 26  
ARG H2   H N N 27  
ARG HA   H N N 28  
ARG HB2  H N N 29  
ARG HB3  H N N 30  
ARG HG2  H N N 31  
ARG HG3  H N N 32  
ARG HD2  H N N 33  
ARG HD3  H N N 34  
ARG HE   H N N 35  
ARG HH11 H N N 36  
ARG HH12 H N N 37  
ARG HH21 H N N 38  
ARG HH22 H N N 39  
ARG HXT  H N N 40  
ASP N    N N N 41  
ASP CA   C N S 42  
ASP C    C N N 43  
ASP O    O N N 44  
ASP CB   C N N 45  
ASP CG   C N N 46  
ASP OD1  O N N 47  
ASP OD2  O N N 48  
ASP OXT  O N N 49  
ASP H    H N N 50  
ASP H2   H N N 51  
ASP HA   H N N 52  
ASP HB2  H N N 53  
ASP HB3  H N N 54  
ASP HD2  H N N 55  
ASP HXT  H N N 56  
GLY N    N N N 57  
GLY CA   C N N 58  
GLY C    C N N 59  
GLY O    O N N 60  
GLY OXT  O N N 61  
GLY H    H N N 62  
GLY H2   H N N 63  
GLY HA2  H N N 64  
GLY HA3  H N N 65  
GLY HXT  H N N 66  
HIS N    N N N 67  
HIS CA   C N S 68  
HIS C    C N N 69  
HIS O    O N N 70  
HIS CB   C N N 71  
HIS CG   C Y N 72  
HIS ND1  N Y N 73  
HIS CD2  C Y N 74  
HIS CE1  C Y N 75  
HIS NE2  N Y N 76  
HIS OXT  O N N 77  
HIS H    H N N 78  
HIS H2   H N N 79  
HIS HA   H N N 80  
HIS HB2  H N N 81  
HIS HB3  H N N 82  
HIS HD1  H N N 83  
HIS HD2  H N N 84  
HIS HE1  H N N 85  
HIS HE2  H N N 86  
HIS HXT  H N N 87  
ILE N    N N N 88  
ILE CA   C N S 89  
ILE C    C N N 90  
ILE O    O N N 91  
ILE CB   C N S 92  
ILE CG1  C N N 93  
ILE CG2  C N N 94  
ILE CD1  C N N 95  
ILE OXT  O N N 96  
ILE H    H N N 97  
ILE H2   H N N 98  
ILE HA   H N N 99  
ILE HB   H N N 100 
ILE HG12 H N N 101 
ILE HG13 H N N 102 
ILE HG21 H N N 103 
ILE HG22 H N N 104 
ILE HG23 H N N 105 
ILE HD11 H N N 106 
ILE HD12 H N N 107 
ILE HD13 H N N 108 
ILE HXT  H N N 109 
LEU N    N N N 110 
LEU CA   C N S 111 
LEU C    C N N 112 
LEU O    O N N 113 
LEU CB   C N N 114 
LEU CG   C N N 115 
LEU CD1  C N N 116 
LEU CD2  C N N 117 
LEU OXT  O N N 118 
LEU H    H N N 119 
LEU H2   H N N 120 
LEU HA   H N N 121 
LEU HB2  H N N 122 
LEU HB3  H N N 123 
LEU HG   H N N 124 
LEU HD11 H N N 125 
LEU HD12 H N N 126 
LEU HD13 H N N 127 
LEU HD21 H N N 128 
LEU HD22 H N N 129 
LEU HD23 H N N 130 
LEU HXT  H N N 131 
LYS N    N N N 132 
LYS CA   C N S 133 
LYS C    C N N 134 
LYS O    O N N 135 
LYS CB   C N N 136 
LYS CG   C N N 137 
LYS CD   C N N 138 
LYS CE   C N N 139 
LYS NZ   N N N 140 
LYS OXT  O N N 141 
LYS H    H N N 142 
LYS H2   H N N 143 
LYS HA   H N N 144 
LYS HB2  H N N 145 
LYS HB3  H N N 146 
LYS HG2  H N N 147 
LYS HG3  H N N 148 
LYS HD2  H N N 149 
LYS HD3  H N N 150 
LYS HE2  H N N 151 
LYS HE3  H N N 152 
LYS HZ1  H N N 153 
LYS HZ2  H N N 154 
LYS HZ3  H N N 155 
LYS HXT  H N N 156 
MET N    N N N 157 
MET CA   C N S 158 
MET C    C N N 159 
MET O    O N N 160 
MET CB   C N N 161 
MET CG   C N N 162 
MET SD   S N N 163 
MET CE   C N N 164 
MET OXT  O N N 165 
MET H    H N N 166 
MET H2   H N N 167 
MET HA   H N N 168 
MET HB2  H N N 169 
MET HB3  H N N 170 
MET HG2  H N N 171 
MET HG3  H N N 172 
MET HE1  H N N 173 
MET HE2  H N N 174 
MET HE3  H N N 175 
MET HXT  H N N 176 
NH2 N    N N N 177 
NH2 HN1  H N N 178 
NH2 HN2  H N N 179 
PHE N    N N N 180 
PHE CA   C N S 181 
PHE C    C N N 182 
PHE O    O N N 183 
PHE CB   C N N 184 
PHE CG   C Y N 185 
PHE CD1  C Y N 186 
PHE CD2  C Y N 187 
PHE CE1  C Y N 188 
PHE CE2  C Y N 189 
PHE CZ   C Y N 190 
PHE OXT  O N N 191 
PHE H    H N N 192 
PHE H2   H N N 193 
PHE HA   H N N 194 
PHE HB2  H N N 195 
PHE HB3  H N N 196 
PHE HD1  H N N 197 
PHE HD2  H N N 198 
PHE HE1  H N N 199 
PHE HE2  H N N 200 
PHE HZ   H N N 201 
PHE HXT  H N N 202 
PRO N    N N N 203 
PRO CA   C N S 204 
PRO C    C N N 205 
PRO O    O N N 206 
PRO CB   C N N 207 
PRO CG   C N N 208 
PRO CD   C N N 209 
PRO OXT  O N N 210 
PRO H    H N N 211 
PRO HA   H N N 212 
PRO HB2  H N N 213 
PRO HB3  H N N 214 
PRO HG2  H N N 215 
PRO HG3  H N N 216 
PRO HD2  H N N 217 
PRO HD3  H N N 218 
PRO HXT  H N N 219 
SER N    N N N 220 
SER CA   C N S 221 
SER C    C N N 222 
SER O    O N N 223 
SER CB   C N N 224 
SER OG   O N N 225 
SER OXT  O N N 226 
SER H    H N N 227 
SER H2   H N N 228 
SER HA   H N N 229 
SER HB2  H N N 230 
SER HB3  H N N 231 
SER HG   H N N 232 
SER HXT  H N N 233 
THR N    N N N 234 
THR CA   C N S 235 
THR C    C N N 236 
THR O    O N N 237 
THR CB   C N R 238 
THR OG1  O N N 239 
THR CG2  C N N 240 
THR OXT  O N N 241 
THR H    H N N 242 
THR H2   H N N 243 
THR HA   H N N 244 
THR HB   H N N 245 
THR HG1  H N N 246 
THR HG21 H N N 247 
THR HG22 H N N 248 
THR HG23 H N N 249 
THR HXT  H N N 250 
TYR N    N N N 251 
TYR CA   C N S 252 
TYR C    C N N 253 
TYR O    O N N 254 
TYR CB   C N N 255 
TYR CG   C Y N 256 
TYR CD1  C Y N 257 
TYR CD2  C Y N 258 
TYR CE1  C Y N 259 
TYR CE2  C Y N 260 
TYR CZ   C Y N 261 
TYR OH   O N N 262 
TYR OXT  O N N 263 
TYR H    H N N 264 
TYR H2   H N N 265 
TYR HA   H N N 266 
TYR HB2  H N N 267 
TYR HB3  H N N 268 
TYR HD1  H N N 269 
TYR HD2  H N N 270 
TYR HE1  H N N 271 
TYR HE2  H N N 272 
TYR HH   H N N 273 
TYR HXT  H N N 274 
# 
loop_
_chem_comp_bond.comp_id 
_chem_comp_bond.atom_id_1 
_chem_comp_bond.atom_id_2 
_chem_comp_bond.value_order 
_chem_comp_bond.pdbx_aromatic_flag 
_chem_comp_bond.pdbx_stereo_config 
_chem_comp_bond.pdbx_ordinal 
ALA N   CA   sing N N 1   
ALA N   H    sing N N 2   
ALA N   H2   sing N N 3   
ALA CA  C    sing N N 4   
ALA CA  CB   sing N N 5   
ALA CA  HA   sing N N 6   
ALA C   O    doub N N 7   
ALA C   OXT  sing N N 8   
ALA CB  HB1  sing N N 9   
ALA CB  HB2  sing N N 10  
ALA CB  HB3  sing N N 11  
ALA OXT HXT  sing N N 12  
ARG N   CA   sing N N 13  
ARG N   H    sing N N 14  
ARG N   H2   sing N N 15  
ARG CA  C    sing N N 16  
ARG CA  CB   sing N N 17  
ARG CA  HA   sing N N 18  
ARG C   O    doub N N 19  
ARG C   OXT  sing N N 20  
ARG CB  CG   sing N N 21  
ARG CB  HB2  sing N N 22  
ARG CB  HB3  sing N N 23  
ARG CG  CD   sing N N 24  
ARG CG  HG2  sing N N 25  
ARG CG  HG3  sing N N 26  
ARG CD  NE   sing N N 27  
ARG CD  HD2  sing N N 28  
ARG CD  HD3  sing N N 29  
ARG NE  CZ   sing N N 30  
ARG NE  HE   sing N N 31  
ARG CZ  NH1  sing N N 32  
ARG CZ  NH2  doub N N 33  
ARG NH1 HH11 sing N N 34  
ARG NH1 HH12 sing N N 35  
ARG NH2 HH21 sing N N 36  
ARG NH2 HH22 sing N N 37  
ARG OXT HXT  sing N N 38  
ASP N   CA   sing N N 39  
ASP N   H    sing N N 40  
ASP N   H2   sing N N 41  
ASP CA  C    sing N N 42  
ASP CA  CB   sing N N 43  
ASP CA  HA   sing N N 44  
ASP C   O    doub N N 45  
ASP C   OXT  sing N N 46  
ASP CB  CG   sing N N 47  
ASP CB  HB2  sing N N 48  
ASP CB  HB3  sing N N 49  
ASP CG  OD1  doub N N 50  
ASP CG  OD2  sing N N 51  
ASP OD2 HD2  sing N N 52  
ASP OXT HXT  sing N N 53  
GLY N   CA   sing N N 54  
GLY N   H    sing N N 55  
GLY N   H2   sing N N 56  
GLY CA  C    sing N N 57  
GLY CA  HA2  sing N N 58  
GLY CA  HA3  sing N N 59  
GLY C   O    doub N N 60  
GLY C   OXT  sing N N 61  
GLY OXT HXT  sing N N 62  
HIS N   CA   sing N N 63  
HIS N   H    sing N N 64  
HIS N   H2   sing N N 65  
HIS CA  C    sing N N 66  
HIS CA  CB   sing N N 67  
HIS CA  HA   sing N N 68  
HIS C   O    doub N N 69  
HIS C   OXT  sing N N 70  
HIS CB  CG   sing N N 71  
HIS CB  HB2  sing N N 72  
HIS CB  HB3  sing N N 73  
HIS CG  ND1  sing Y N 74  
HIS CG  CD2  doub Y N 75  
HIS ND1 CE1  doub Y N 76  
HIS ND1 HD1  sing N N 77  
HIS CD2 NE2  sing Y N 78  
HIS CD2 HD2  sing N N 79  
HIS CE1 NE2  sing Y N 80  
HIS CE1 HE1  sing N N 81  
HIS NE2 HE2  sing N N 82  
HIS OXT HXT  sing N N 83  
ILE N   CA   sing N N 84  
ILE N   H    sing N N 85  
ILE N   H2   sing N N 86  
ILE CA  C    sing N N 87  
ILE CA  CB   sing N N 88  
ILE CA  HA   sing N N 89  
ILE C   O    doub N N 90  
ILE C   OXT  sing N N 91  
ILE CB  CG1  sing N N 92  
ILE CB  CG2  sing N N 93  
ILE CB  HB   sing N N 94  
ILE CG1 CD1  sing N N 95  
ILE CG1 HG12 sing N N 96  
ILE CG1 HG13 sing N N 97  
ILE CG2 HG21 sing N N 98  
ILE CG2 HG22 sing N N 99  
ILE CG2 HG23 sing N N 100 
ILE CD1 HD11 sing N N 101 
ILE CD1 HD12 sing N N 102 
ILE CD1 HD13 sing N N 103 
ILE OXT HXT  sing N N 104 
LEU N   CA   sing N N 105 
LEU N   H    sing N N 106 
LEU N   H2   sing N N 107 
LEU CA  C    sing N N 108 
LEU CA  CB   sing N N 109 
LEU CA  HA   sing N N 110 
LEU C   O    doub N N 111 
LEU C   OXT  sing N N 112 
LEU CB  CG   sing N N 113 
LEU CB  HB2  sing N N 114 
LEU CB  HB3  sing N N 115 
LEU CG  CD1  sing N N 116 
LEU CG  CD2  sing N N 117 
LEU CG  HG   sing N N 118 
LEU CD1 HD11 sing N N 119 
LEU CD1 HD12 sing N N 120 
LEU CD1 HD13 sing N N 121 
LEU CD2 HD21 sing N N 122 
LEU CD2 HD22 sing N N 123 
LEU CD2 HD23 sing N N 124 
LEU OXT HXT  sing N N 125 
LYS N   CA   sing N N 126 
LYS N   H    sing N N 127 
LYS N   H2   sing N N 128 
LYS CA  C    sing N N 129 
LYS CA  CB   sing N N 130 
LYS CA  HA   sing N N 131 
LYS C   O    doub N N 132 
LYS C   OXT  sing N N 133 
LYS CB  CG   sing N N 134 
LYS CB  HB2  sing N N 135 
LYS CB  HB3  sing N N 136 
LYS CG  CD   sing N N 137 
LYS CG  HG2  sing N N 138 
LYS CG  HG3  sing N N 139 
LYS CD  CE   sing N N 140 
LYS CD  HD2  sing N N 141 
LYS CD  HD3  sing N N 142 
LYS CE  NZ   sing N N 143 
LYS CE  HE2  sing N N 144 
LYS CE  HE3  sing N N 145 
LYS NZ  HZ1  sing N N 146 
LYS NZ  HZ2  sing N N 147 
LYS NZ  HZ3  sing N N 148 
LYS OXT HXT  sing N N 149 
MET N   CA   sing N N 150 
MET N   H    sing N N 151 
MET N   H2   sing N N 152 
MET CA  C    sing N N 153 
MET CA  CB   sing N N 154 
MET CA  HA   sing N N 155 
MET C   O    doub N N 156 
MET C   OXT  sing N N 157 
MET CB  CG   sing N N 158 
MET CB  HB2  sing N N 159 
MET CB  HB3  sing N N 160 
MET CG  SD   sing N N 161 
MET CG  HG2  sing N N 162 
MET CG  HG3  sing N N 163 
MET SD  CE   sing N N 164 
MET CE  HE1  sing N N 165 
MET CE  HE2  sing N N 166 
MET CE  HE3  sing N N 167 
MET OXT HXT  sing N N 168 
NH2 N   HN1  sing N N 169 
NH2 N   HN2  sing N N 170 
PHE N   CA   sing N N 171 
PHE N   H    sing N N 172 
PHE N   H2   sing N N 173 
PHE CA  C    sing N N 174 
PHE CA  CB   sing N N 175 
PHE CA  HA   sing N N 176 
PHE C   O    doub N N 177 
PHE C   OXT  sing N N 178 
PHE CB  CG   sing N N 179 
PHE CB  HB2  sing N N 180 
PHE CB  HB3  sing N N 181 
PHE CG  CD1  doub Y N 182 
PHE CG  CD2  sing Y N 183 
PHE CD1 CE1  sing Y N 184 
PHE CD1 HD1  sing N N 185 
PHE CD2 CE2  doub Y N 186 
PHE CD2 HD2  sing N N 187 
PHE CE1 CZ   doub Y N 188 
PHE CE1 HE1  sing N N 189 
PHE CE2 CZ   sing Y N 190 
PHE CE2 HE2  sing N N 191 
PHE CZ  HZ   sing N N 192 
PHE OXT HXT  sing N N 193 
PRO N   CA   sing N N 194 
PRO N   CD   sing N N 195 
PRO N   H    sing N N 196 
PRO CA  C    sing N N 197 
PRO CA  CB   sing N N 198 
PRO CA  HA   sing N N 199 
PRO C   O    doub N N 200 
PRO C   OXT  sing N N 201 
PRO CB  CG   sing N N 202 
PRO CB  HB2  sing N N 203 
PRO CB  HB3  sing N N 204 
PRO CG  CD   sing N N 205 
PRO CG  HG2  sing N N 206 
PRO CG  HG3  sing N N 207 
PRO CD  HD2  sing N N 208 
PRO CD  HD3  sing N N 209 
PRO OXT HXT  sing N N 210 
SER N   CA   sing N N 211 
SER N   H    sing N N 212 
SER N   H2   sing N N 213 
SER CA  C    sing N N 214 
SER CA  CB   sing N N 215 
SER CA  HA   sing N N 216 
SER C   O    doub N N 217 
SER C   OXT  sing N N 218 
SER CB  OG   sing N N 219 
SER CB  HB2  sing N N 220 
SER CB  HB3  sing N N 221 
SER OG  HG   sing N N 222 
SER OXT HXT  sing N N 223 
THR N   CA   sing N N 224 
THR N   H    sing N N 225 
THR N   H2   sing N N 226 
THR CA  C    sing N N 227 
THR CA  CB   sing N N 228 
THR CA  HA   sing N N 229 
THR C   O    doub N N 230 
THR C   OXT  sing N N 231 
THR CB  OG1  sing N N 232 
THR CB  CG2  sing N N 233 
THR CB  HB   sing N N 234 
THR OG1 HG1  sing N N 235 
THR CG2 HG21 sing N N 236 
THR CG2 HG22 sing N N 237 
THR CG2 HG23 sing N N 238 
THR OXT HXT  sing N N 239 
TYR N   CA   sing N N 240 
TYR N   H    sing N N 241 
TYR N   H2   sing N N 242 
TYR CA  C    sing N N 243 
TYR CA  CB   sing N N 244 
TYR CA  HA   sing N N 245 
TYR C   O    doub N N 246 
TYR C   OXT  sing N N 247 
TYR CB  CG   sing N N 248 
TYR CB  HB2  sing N N 249 
TYR CB  HB3  sing N N 250 
TYR CG  CD1  doub Y N 251 
TYR CG  CD2  sing Y N 252 
TYR CD1 CE1  sing Y N 253 
TYR CD1 HD1  sing N N 254 
TYR CD2 CE2  doub Y N 255 
TYR CD2 HD2  sing N N 256 
TYR CE1 CZ   doub Y N 257 
TYR CE1 HE1  sing N N 258 
TYR CE2 CZ   sing Y N 259 
TYR CE2 HE2  sing N N 260 
TYR CZ  OH   sing N N 261 
TYR OH  HH   sing N N 262 
TYR OXT HXT  sing N N 263 
# 
_pdbx_nmr_spectrometer.field_strength    500 
_pdbx_nmr_spectrometer.manufacturer      Bruker 
_pdbx_nmr_spectrometer.model             DRX 
_pdbx_nmr_spectrometer.spectrometer_id   1 
_pdbx_nmr_spectrometer.type              'Bruker DRX' 
# 
_atom_sites.entry_id                    2MTX 
_atom_sites.fract_transf_matrix[1][1]   1.000000 
_atom_sites.fract_transf_matrix[1][2]   0.000000 
_atom_sites.fract_transf_matrix[1][3]   0.000000 
_atom_sites.fract_transf_matrix[2][1]   0.000000 
_atom_sites.fract_transf_matrix[2][2]   1.000000 
_atom_sites.fract_transf_matrix[2][3]   0.000000 
_atom_sites.fract_transf_matrix[3][1]   0.000000 
_atom_sites.fract_transf_matrix[3][2]   0.000000 
_atom_sites.fract_transf_matrix[3][3]   1.000000 
_atom_sites.fract_transf_vector[1]      0.00000 
_atom_sites.fract_transf_vector[2]      0.00000 
_atom_sites.fract_transf_vector[3]      0.00000 
# 
loop_
_atom_type.symbol 
C 
H 
N 
O 
S 
# 
loop_
_atom_site.group_PDB 
_atom_site.id 
_atom_site.type_symbol 
_atom_site.label_atom_id 
_atom_site.label_alt_id 
_atom_site.label_comp_id 
_atom_site.label_asym_id 
_atom_site.label_entity_id 
_atom_site.label_seq_id 
_atom_site.pdbx_PDB_ins_code 
_atom_site.Cartn_x 
_atom_site.Cartn_y 
_atom_site.Cartn_z 
_atom_site.occupancy 
_atom_site.B_iso_or_equiv 
_atom_site.pdbx_formal_charge 
_atom_site.auth_seq_id 
_atom_site.auth_comp_id 
_atom_site.auth_asym_id 
_atom_site.auth_atom_id 
_atom_site.pdbx_PDB_model_num 
ATOM   1   N N    . MET A 1 1  ? -7.391  -16.815 14.803  1.00 0.00 ? 1  MET A N    1 
ATOM   2   C CA   . MET A 1 1  ? -6.512  -16.479 13.646  1.00 0.00 ? 1  MET A CA   1 
ATOM   3   C C    . MET A 1 1  ? -7.394  -16.213 12.394  1.00 0.00 ? 1  MET A C    1 
ATOM   4   O O    . MET A 1 1  ? -8.091  -17.111 11.909  1.00 0.00 ? 1  MET A O    1 
ATOM   5   C CB   . MET A 1 1  ? -5.498  -17.623 13.374  1.00 0.00 ? 1  MET A CB   1 
ATOM   6   C CG   . MET A 1 1  ? -4.416  -17.822 14.454  1.00 0.00 ? 1  MET A CG   1 
ATOM   7   S SD   . MET A 1 1  ? -3.441  -16.316 14.692  1.00 0.00 ? 1  MET A SD   1 
ATOM   8   C CE   . MET A 1 1  ? -2.270  -16.402 13.319  1.00 0.00 ? 1  MET A CE   1 
ATOM   9   H H1   . MET A 1 1  ? -7.742  -17.768 14.943  1.00 0.00 ? 1  MET A H1   1 
ATOM   10  H HA   . MET A 1 1  ? -5.906  -15.579 13.872  1.00 0.00 ? 1  MET A HA   1 
ATOM   11  H HB2  . MET A 1 1  ? -6.033  -18.581 13.221  1.00 0.00 ? 1  MET A HB2  1 
ATOM   12  H HB3  . MET A 1 1  ? -4.982  -17.433 12.415  1.00 0.00 ? 1  MET A HB3  1 
ATOM   13  H HG2  . MET A 1 1  ? -4.878  -18.102 15.417  1.00 0.00 ? 1  MET A HG2  1 
ATOM   14  H HG3  . MET A 1 1  ? -3.748  -18.661 14.183  1.00 0.00 ? 1  MET A HG3  1 
ATOM   15  H HE1  . MET A 1 1  ? -1.563  -15.553 13.362  1.00 0.00 ? 1  MET A HE1  1 
ATOM   16  H HE2  . MET A 1 1  ? -1.683  -17.338 13.358  1.00 0.00 ? 1  MET A HE2  1 
ATOM   17  H HE3  . MET A 1 1  ? -2.793  -16.361 12.347  1.00 0.00 ? 1  MET A HE3  1 
ATOM   18  N N    . ILE A 1 2  ? -7.338  -14.971 11.874  1.00 0.00 ? 2  ILE A N    1 
ATOM   19  C CA   . ILE A 1 2  ? -8.119  -14.547 10.675  1.00 0.00 ? 2  ILE A CA   1 
ATOM   20  C C    . ILE A 1 2  ? -7.350  -14.906 9.364   1.00 0.00 ? 2  ILE A C    1 
ATOM   21  O O    . ILE A 1 2  ? -6.187  -14.528 9.187   1.00 0.00 ? 2  ILE A O    1 
ATOM   22  C CB   . ILE A 1 2  ? -8.538  -13.032 10.781  1.00 0.00 ? 2  ILE A CB   1 
ATOM   23  C CG1  . ILE A 1 2  ? -9.529  -12.559 9.674   1.00 0.00 ? 2  ILE A CG1  1 
ATOM   24  C CG2  . ILE A 1 2  ? -7.353  -12.031 10.835  1.00 0.00 ? 2  ILE A CG2  1 
ATOM   25  C CD1  . ILE A 1 2  ? -10.896 -13.261 9.653   1.00 0.00 ? 2  ILE A CD1  1 
ATOM   26  H H    . ILE A 1 2  ? -6.727  -14.320 12.377  1.00 0.00 ? 2  ILE A H    1 
ATOM   27  H HA   . ILE A 1 2  ? -9.072  -15.114 10.699  1.00 0.00 ? 2  ILE A HA   1 
ATOM   28  H HB   . ILE A 1 2  ? -9.072  -12.918 11.744  1.00 0.00 ? 2  ILE A HB   1 
ATOM   29  H HG12 . ILE A 1 2  ? -9.725  -11.476 9.791   1.00 0.00 ? 2  ILE A HG12 1 
ATOM   30  H HG13 . ILE A 1 2  ? -9.061  -12.656 8.676   1.00 0.00 ? 2  ILE A HG13 1 
ATOM   31  H HG21 . ILE A 1 2  ? -6.640  -12.278 11.643  1.00 0.00 ? 2  ILE A HG21 1 
ATOM   32  H HG22 . ILE A 1 2  ? -7.698  -10.998 11.030  1.00 0.00 ? 2  ILE A HG22 1 
ATOM   33  H HG23 . ILE A 1 2  ? -6.780  -12.008 9.890   1.00 0.00 ? 2  ILE A HG23 1 
ATOM   34  H HD11 . ILE A 1 2  ? -10.806 -14.336 9.414   1.00 0.00 ? 2  ILE A HD11 1 
ATOM   35  H HD12 . ILE A 1 2  ? -11.559 -12.816 8.890   1.00 0.00 ? 2  ILE A HD12 1 
ATOM   36  H HD13 . ILE A 1 2  ? -11.414 -13.176 10.627  1.00 0.00 ? 2  ILE A HD13 1 
ATOM   37  N N    . LYS A 1 3  ? -8.033  -15.625 8.451   1.00 0.00 ? 3  LYS A N    1 
ATOM   38  C CA   . LYS A 1 3  ? -7.469  -16.012 7.131   1.00 0.00 ? 3  LYS A CA   1 
ATOM   39  C C    . LYS A 1 3  ? -7.919  -14.932 6.101   1.00 0.00 ? 3  LYS A C    1 
ATOM   40  O O    . LYS A 1 3  ? -9.048  -14.959 5.599   1.00 0.00 ? 3  LYS A O    1 
ATOM   41  C CB   . LYS A 1 3  ? -7.968  -17.452 6.781   1.00 0.00 ? 3  LYS A CB   1 
ATOM   42  C CG   . LYS A 1 3  ? -7.202  -18.102 5.608   1.00 0.00 ? 3  LYS A CG   1 
ATOM   43  C CD   . LYS A 1 3  ? -7.720  -19.512 5.261   1.00 0.00 ? 3  LYS A CD   1 
ATOM   44  C CE   . LYS A 1 3  ? -6.946  -20.158 4.096   1.00 0.00 ? 3  LYS A CE   1 
ATOM   45  N NZ   . LYS A 1 3  ? -7.460  -21.504 3.790   1.00 0.00 ? 3  LYS A NZ   1 
ATOM   46  H H    . LYS A 1 3  ? -8.991  -15.869 8.723   1.00 0.00 ? 3  LYS A H    1 
ATOM   47  H HA   . LYS A 1 3  ? -6.354  -16.017 7.183   1.00 0.00 ? 3  LYS A HA   1 
ATOM   48  H HB2  . LYS A 1 3  ? -7.916  -18.140 7.655   1.00 0.00 ? 3  LYS A HB2  1 
ATOM   49  H HB3  . LYS A 1 3  ? -9.049  -17.419 6.538   1.00 0.00 ? 3  LYS A HB3  1 
ATOM   50  H HG2  . LYS A 1 3  ? -7.274  -17.454 4.714   1.00 0.00 ? 3  LYS A HG2  1 
ATOM   51  H HG3  . LYS A 1 3  ? -6.126  -18.154 5.858   1.00 0.00 ? 3  LYS A HG3  1 
ATOM   52  H HD2  . LYS A 1 3  ? -7.651  -20.159 6.158   1.00 0.00 ? 3  LYS A HD2  1 
ATOM   53  H HD3  . LYS A 1 3  ? -8.795  -19.455 5.008   1.00 0.00 ? 3  LYS A HD3  1 
ATOM   54  H HE2  . LYS A 1 3  ? -7.018  -19.530 3.189   1.00 0.00 ? 3  LYS A HE2  1 
ATOM   55  H HE3  . LYS A 1 3  ? -5.870  -20.229 4.339   1.00 0.00 ? 3  LYS A HE3  1 
ATOM   56  H HZ2  . LYS A 1 3  ? -7.339  -22.120 4.602   1.00 0.00 ? 3  LYS A HZ2  1 
ATOM   57  H HZ3  . LYS A 1 3  ? -6.906  -21.929 3.038   1.00 0.00 ? 3  LYS A HZ3  1 
ATOM   58  N N    . SER A 1 4  ? -7.019  -13.971 5.817   1.00 0.00 ? 4  SER A N    1 
ATOM   59  C CA   . SER A 1 4  ? -7.283  -12.862 4.860   1.00 0.00 ? 4  SER A CA   1 
ATOM   60  C C    . SER A 1 4  ? -5.946  -12.360 4.252   1.00 0.00 ? 4  SER A C    1 
ATOM   61  O O    . SER A 1 4  ? -4.992  -12.054 4.977   1.00 0.00 ? 4  SER A O    1 
ATOM   62  C CB   . SER A 1 4  ? -8.068  -11.708 5.537   1.00 0.00 ? 4  SER A CB   1 
ATOM   63  O OG   . SER A 1 4  ? -7.383  -11.168 6.665   1.00 0.00 ? 4  SER A OG   1 
ATOM   64  H H    . SER A 1 4  ? -6.121  -14.060 6.306   1.00 0.00 ? 4  SER A H    1 
ATOM   65  H HA   . SER A 1 4  ? -7.927  -13.250 4.044   1.00 0.00 ? 4  SER A HA   1 
ATOM   66  H HB2  . SER A 1 4  ? -8.266  -10.898 4.810   1.00 0.00 ? 4  SER A HB2  1 
ATOM   67  H HB3  . SER A 1 4  ? -9.065  -12.061 5.861   1.00 0.00 ? 4  SER A HB3  1 
ATOM   68  H HG   . SER A 1 4  ? -7.268  -11.896 7.279   1.00 0.00 ? 4  SER A HG   1 
ATOM   69  N N    . ALA A 1 5  ? -5.902  -12.241 2.909   1.00 0.00 ? 5  ALA A N    1 
ATOM   70  C CA   . ALA A 1 5  ? -4.704  -11.777 2.170   1.00 0.00 ? 5  ALA A CA   1 
ATOM   71  C C    . ALA A 1 5  ? -4.474  -10.246 2.313   1.00 0.00 ? 5  ALA A C    1 
ATOM   72  O O    . ALA A 1 5  ? -5.346  -9.441  1.972   1.00 0.00 ? 5  ALA A O    1 
ATOM   73  C CB   . ALA A 1 5  ? -4.848  -12.172 0.688   1.00 0.00 ? 5  ALA A CB   1 
ATOM   74  H H    . ALA A 1 5  ? -6.710  -12.617 2.411   1.00 0.00 ? 5  ALA A H    1 
ATOM   75  H HA   . ALA A 1 5  ? -3.843  -12.348 2.561   1.00 0.00 ? 5  ALA A HA   1 
ATOM   76  H HB1  . ALA A 1 5  ? -4.970  -13.264 0.563   1.00 0.00 ? 5  ALA A HB1  1 
ATOM   77  H HB2  . ALA A 1 5  ? -3.951  -11.889 0.106   1.00 0.00 ? 5  ALA A HB2  1 
ATOM   78  H HB3  . ALA A 1 5  ? -5.716  -11.687 0.204   1.00 0.00 ? 5  ALA A HB3  1 
ATOM   79  N N    . PHE A 1 6  ? -3.279  -9.866  2.806   1.00 0.00 ? 6  PHE A N    1 
ATOM   80  C CA   . PHE A 1 6  ? -2.897  -8.447  3.010   1.00 0.00 ? 6  PHE A CA   1 
ATOM   81  C C    . PHE A 1 6  ? -2.549  -7.718  1.675   1.00 0.00 ? 6  PHE A C    1 
ATOM   82  O O    . PHE A 1 6  ? -1.757  -8.211  0.865   1.00 0.00 ? 6  PHE A O    1 
ATOM   83  C CB   . PHE A 1 6  ? -1.761  -8.358  4.057   1.00 0.00 ? 6  PHE A CB   1 
ATOM   84  C CG   . PHE A 1 6  ? -1.301  -6.934  4.436   1.00 0.00 ? 6  PHE A CG   1 
ATOM   85  C CD1  . PHE A 1 6  ? -2.112  -6.117  5.234   1.00 0.00 ? 6  PHE A CD1  1 
ATOM   86  C CD2  . PHE A 1 6  ? -0.105  -6.419  3.922   1.00 0.00 ? 6  PHE A CD2  1 
ATOM   87  C CE1  . PHE A 1 6  ? -1.734  -4.804  5.504   1.00 0.00 ? 6  PHE A CE1  1 
ATOM   88  C CE2  . PHE A 1 6  ? 0.273   -5.108  4.200   1.00 0.00 ? 6  PHE A CE2  1 
ATOM   89  C CZ   . PHE A 1 6  ? -0.544  -4.299  4.986   1.00 0.00 ? 6  PHE A CZ   1 
ATOM   90  H H    . PHE A 1 6  ? -2.682  -10.623 3.144   1.00 0.00 ? 6  PHE A H    1 
ATOM   91  H HA   . PHE A 1 6  ? -3.740  -7.968  3.512   1.00 0.00 ? 6  PHE A HA   1 
ATOM   92  H HB2  . PHE A 1 6  ? -2.058  -8.889  4.983   1.00 0.00 ? 6  PHE A HB2  1 
ATOM   93  H HB3  . PHE A 1 6  ? -0.921  -8.942  3.666   1.00 0.00 ? 6  PHE A HB3  1 
ATOM   94  H HD1  . PHE A 1 6  ? -3.046  -6.490  5.629   1.00 0.00 ? 6  PHE A HD1  1 
ATOM   95  H HD2  . PHE A 1 6  ? 0.528   -7.026  3.290   1.00 0.00 ? 6  PHE A HD2  1 
ATOM   96  H HE1  . PHE A 1 6  ? -2.367  -4.174  6.113   1.00 0.00 ? 6  PHE A HE1  1 
ATOM   97  H HE2  . PHE A 1 6  ? 1.198   -4.718  3.805   1.00 0.00 ? 6  PHE A HE2  1 
ATOM   98  H HZ   . PHE A 1 6  ? -0.253  -3.281  5.196   1.00 0.00 ? 6  PHE A HZ   1 
ATOM   99  N N    . LEU A 1 7  ? -3.140  -6.522  1.509   1.00 0.00 ? 7  LEU A N    1 
ATOM   100 C CA   . LEU A 1 7  ? -2.905  -5.645  0.333   1.00 0.00 ? 7  LEU A CA   1 
ATOM   101 C C    . LEU A 1 7  ? -2.155  -4.374  0.856   1.00 0.00 ? 7  LEU A C    1 
ATOM   102 O O    . LEU A 1 7  ? -2.788  -3.592  1.575   1.00 0.00 ? 7  LEU A O    1 
ATOM   103 C CB   . LEU A 1 7  ? -4.241  -5.283  -0.375  1.00 0.00 ? 7  LEU A CB   1 
ATOM   104 C CG   . LEU A 1 7  ? -4.907  -6.433  -1.184  1.00 0.00 ? 7  LEU A CG   1 
ATOM   105 C CD1  . LEU A 1 7  ? -6.387  -6.116  -1.475  1.00 0.00 ? 7  LEU A CD1  1 
ATOM   106 C CD2  . LEU A 1 7  ? -4.168  -6.748  -2.502  1.00 0.00 ? 7  LEU A CD2  1 
ATOM   107 H H    . LEU A 1 7  ? -3.763  -6.242  2.273   1.00 0.00 ? 7  LEU A H    1 
ATOM   108 H HA   . LEU A 1 7  ? -2.294  -6.172  -0.421  1.00 0.00 ? 7  LEU A HA   1 
ATOM   109 H HB2  . LEU A 1 7  ? -4.950  -4.896  0.384   1.00 0.00 ? 7  LEU A HB2  1 
ATOM   110 H HB3  . LEU A 1 7  ? -4.078  -4.424  -1.056  1.00 0.00 ? 7  LEU A HB3  1 
ATOM   111 H HG   . LEU A 1 7  ? -4.879  -7.346  -0.562  1.00 0.00 ? 7  LEU A HG   1 
ATOM   112 H HD11 . LEU A 1 7  ? -6.958  -5.952  -0.543  1.00 0.00 ? 7  LEU A HD11 1 
ATOM   113 H HD12 . LEU A 1 7  ? -6.504  -5.209  -2.097  1.00 0.00 ? 7  LEU A HD12 1 
ATOM   114 H HD13 . LEU A 1 7  ? -6.886  -6.948  -2.009  1.00 0.00 ? 7  LEU A HD13 1 
ATOM   115 H HD21 . LEU A 1 7  ? -3.125  -7.067  -2.327  1.00 0.00 ? 7  LEU A HD21 1 
ATOM   116 H HD22 . LEU A 1 7  ? -4.134  -5.873  -3.179  1.00 0.00 ? 7  LEU A HD22 1 
ATOM   117 H HD23 . LEU A 1 7  ? -4.656  -7.571  -3.055  1.00 0.00 ? 7  LEU A HD23 1 
ATOM   118 N N    . PRO A 1 8  ? -0.851  -4.103  0.535   1.00 0.00 ? 8  PRO A N    1 
ATOM   119 C CA   . PRO A 1 8  ? -0.127  -2.900  1.027   1.00 0.00 ? 8  PRO A CA   1 
ATOM   120 C C    . PRO A 1 8  ? -0.548  -1.586  0.301   1.00 0.00 ? 8  PRO A C    1 
ATOM   121 O O    . PRO A 1 8  ? -0.145  -1.327  -0.838  1.00 0.00 ? 8  PRO A O    1 
ATOM   122 C CB   . PRO A 1 8  ? 1.352   -3.282  0.830   1.00 0.00 ? 8  PRO A CB   1 
ATOM   123 C CG   . PRO A 1 8  ? 1.351   -4.282  -0.322  1.00 0.00 ? 8  PRO A CG   1 
ATOM   124 C CD   . PRO A 1 8  ? 0.030   -5.040  -0.189  1.00 0.00 ? 8  PRO A CD   1 
ATOM   125 H HA   . PRO A 1 8  ? -0.272  -2.804  2.116   1.00 0.00 ? 8  PRO A HA   1 
ATOM   126 H HB2  . PRO A 1 8  ? 2.012   -2.414  0.633   1.00 0.00 ? 8  PRO A HB2  1 
ATOM   127 H HB3  . PRO A 1 8  ? 1.742   -3.776  1.742   1.00 0.00 ? 8  PRO A HB3  1 
ATOM   128 H HG2  . PRO A 1 8  ? 1.378   -3.732  -1.280  1.00 0.00 ? 8  PRO A HG2  1 
ATOM   129 H HG3  . PRO A 1 8  ? 2.229   -4.951  -0.288  1.00 0.00 ? 8  PRO A HG3  1 
ATOM   130 H HD2  . PRO A 1 8  ? -0.370  -5.309  -1.186  1.00 0.00 ? 8  PRO A HD2  1 
ATOM   131 H HD3  . PRO A 1 8  ? 0.164   -5.972  0.394   1.00 0.00 ? 8  PRO A HD3  1 
ATOM   132 N N    . THR A 1 9  ? -1.358  -0.766  0.996   1.00 0.00 ? 9  THR A N    1 
ATOM   133 C CA   . THR A 1 9  ? -1.867  0.526   0.473   1.00 0.00 ? 9  THR A CA   1 
ATOM   134 C C    . THR A 1 9  ? -0.835  1.672   0.688   1.00 0.00 ? 9  THR A C    1 
ATOM   135 O O    . THR A 1 9  ? -0.320  1.857   1.798   1.00 0.00 ? 9  THR A O    1 
ATOM   136 C CB   . THR A 1 9  ? -3.251  0.892   1.094   1.00 0.00 ? 9  THR A CB   1 
ATOM   137 O OG1  . THR A 1 9  ? -3.173  0.991   2.515   1.00 0.00 ? 9  THR A OG1  1 
ATOM   138 C CG2  . THR A 1 9  ? -4.391  -0.079  0.733   1.00 0.00 ? 9  THR A CG2  1 
ATOM   139 H H    . THR A 1 9  ? -1.751  -1.157  1.850   1.00 0.00 ? 9  THR A H    1 
ATOM   140 H HA   . THR A 1 9  ? -2.048  0.381   -0.606  1.00 0.00 ? 9  THR A HA   1 
ATOM   141 H HB   . THR A 1 9  ? -3.550  1.884   0.707   1.00 0.00 ? 9  THR A HB   1 
ATOM   142 H HG1  . THR A 1 9  ? -2.470  1.619   2.699   1.00 0.00 ? 9  THR A HG1  1 
ATOM   143 H HG21 . THR A 1 9  ? -4.521  -0.163  -0.362  1.00 0.00 ? 9  THR A HG21 1 
ATOM   144 H HG22 . THR A 1 9  ? -5.355  0.262   1.151   1.00 0.00 ? 9  THR A HG22 1 
ATOM   145 H HG23 . THR A 1 9  ? -4.208  -1.097  1.124   1.00 0.00 ? 9  THR A HG23 1 
ATOM   146 N N    . GLY A 1 10 ? -0.567  2.448   -0.379  1.00 0.00 ? 10 GLY A N    1 
ATOM   147 C CA   . GLY A 1 10 ? 0.369   3.593   -0.319  1.00 0.00 ? 10 GLY A CA   1 
ATOM   148 C C    . GLY A 1 10 ? -0.333  4.912   0.057   1.00 0.00 ? 10 GLY A C    1 
ATOM   149 O O    . GLY A 1 10 ? -0.881  5.591   -0.815  1.00 0.00 ? 10 GLY A O    1 
ATOM   150 H H    . GLY A 1 10 ? -1.067  2.196   -1.237  1.00 0.00 ? 10 GLY A H    1 
ATOM   151 H HA2  . GLY A 1 10 ? 1.223   3.380   0.354   1.00 0.00 ? 10 GLY A HA2  1 
ATOM   152 H HA3  . GLY A 1 10 ? 0.829   3.710   -1.317  1.00 0.00 ? 10 GLY A HA3  1 
ATOM   153 N N    . ALA A 1 11 ? -0.286  5.267   1.355   1.00 0.00 ? 11 ALA A N    1 
ATOM   154 C CA   . ALA A 1 11 ? -0.912  6.503   1.887   1.00 0.00 ? 11 ALA A CA   1 
ATOM   155 C C    . ALA A 1 11 ? -0.218  7.824   1.442   1.00 0.00 ? 11 ALA A C    1 
ATOM   156 O O    . ALA A 1 11 ? -0.873  8.662   0.818   1.00 0.00 ? 11 ALA A O    1 
ATOM   157 C CB   . ALA A 1 11 ? -1.036  6.390   3.420   1.00 0.00 ? 11 ALA A CB   1 
ATOM   158 H H    . ALA A 1 11 ? 0.110   4.567   1.986   1.00 0.00 ? 11 ALA A H    1 
ATOM   159 H HA   . ALA A 1 11 ? -1.946  6.519   1.505   1.00 0.00 ? 11 ALA A HA   1 
ATOM   160 H HB1  . ALA A 1 11 ? -0.050  6.326   3.919   1.00 0.00 ? 11 ALA A HB1  1 
ATOM   161 H HB2  . ALA A 1 11 ? -1.561  7.263   3.849   1.00 0.00 ? 11 ALA A HB2  1 
ATOM   162 H HB3  . ALA A 1 11 ? -1.614  5.496   3.722   1.00 0.00 ? 11 ALA A HB3  1 
ATOM   163 N N    . PHE A 1 12 ? 1.091   7.992   1.733   1.00 0.00 ? 12 PHE A N    1 
ATOM   164 C CA   . PHE A 1 12 ? 1.893   9.168   1.339   1.00 0.00 ? 12 PHE A CA   1 
ATOM   165 C C    . PHE A 1 12 ? 2.337   9.045   -0.151  1.00 0.00 ? 12 PHE A C    1 
ATOM   166 O O    . PHE A 1 12 ? 3.388   8.473   -0.451  1.00 0.00 ? 12 PHE A O    1 
ATOM   167 C CB   . PHE A 1 12 ? 3.042   9.340   2.382   1.00 0.00 ? 12 PHE A CB   1 
ATOM   168 C CG   . PHE A 1 12 ? 4.180   8.286   2.465   1.00 0.00 ? 12 PHE A CG   1 
ATOM   169 C CD1  . PHE A 1 12 ? 3.948   7.018   3.015   1.00 0.00 ? 12 PHE A CD1  1 
ATOM   170 C CD2  . PHE A 1 12 ? 5.463   8.603   2.005   1.00 0.00 ? 12 PHE A CD2  1 
ATOM   171 C CE1  . PHE A 1 12 ? 4.975   6.079   3.077   1.00 0.00 ? 12 PHE A CE1  1 
ATOM   172 C CE2  . PHE A 1 12 ? 6.492   7.667   2.084   1.00 0.00 ? 12 PHE A CE2  1 
ATOM   173 C CZ   . PHE A 1 12 ? 6.245   6.403   2.612   1.00 0.00 ? 12 PHE A CZ   1 
ATOM   174 H H    . PHE A 1 12 ? 1.495   7.343   2.407   1.00 0.00 ? 12 PHE A H    1 
ATOM   175 H HA   . PHE A 1 12 ? 1.254   10.059  1.461   1.00 0.00 ? 12 PHE A HA   1 
ATOM   176 H HB2  . PHE A 1 12 ? 3.482   10.330  2.192   1.00 0.00 ? 12 PHE A HB2  1 
ATOM   177 H HB3  . PHE A 1 12 ? 2.600   9.451   3.391   1.00 0.00 ? 12 PHE A HB3  1 
ATOM   178 H HD1  . PHE A 1 12 ? 2.974   6.751   3.398   1.00 0.00 ? 12 PHE A HD1  1 
ATOM   179 H HD2  . PHE A 1 12 ? 5.672   9.576   1.584   1.00 0.00 ? 12 PHE A HD2  1 
ATOM   180 H HE1  . PHE A 1 12 ? 4.786   5.101   3.497   1.00 0.00 ? 12 PHE A HE1  1 
ATOM   181 H HE2  . PHE A 1 12 ? 7.481   7.924   1.739   1.00 0.00 ? 12 PHE A HE2  1 
ATOM   182 H HZ   . PHE A 1 12 ? 7.042   5.676   2.668   1.00 0.00 ? 12 PHE A HZ   1 
ATOM   183 N N    . LYS A 1 13 ? 1.492   9.569   -1.076  1.00 0.00 ? 13 LYS A N    1 
ATOM   184 C CA   . LYS A 1 13 ? 1.719   9.553   -2.557  1.00 0.00 ? 13 LYS A CA   1 
ATOM   185 C C    . LYS A 1 13 ? 2.214   8.169   -3.096  1.00 0.00 ? 13 LYS A C    1 
ATOM   186 O O    . LYS A 1 13 ? 3.357   8.033   -3.535  1.00 0.00 ? 13 LYS A O    1 
ATOM   187 C CB   . LYS A 1 13 ? 2.533   10.837  -2.906  1.00 0.00 ? 13 LYS A CB   1 
ATOM   188 C CG   . LYS A 1 13 ? 3.156   10.992  -4.313  1.00 0.00 ? 13 LYS A CG   1 
ATOM   189 C CD   . LYS A 1 13 ? 2.179   10.857  -5.500  1.00 0.00 ? 13 LYS A CD   1 
ATOM   190 C CE   . LYS A 1 13 ? 2.896   10.995  -6.857  1.00 0.00 ? 13 LYS A CE   1 
ATOM   191 N NZ   . LYS A 1 13 ? 1.965   10.840  -7.988  1.00 0.00 ? 13 LYS A NZ   1 
ATOM   192 H H    . LYS A 1 13 ? 0.891   10.299  -0.687  1.00 0.00 ? 13 LYS A H    1 
ATOM   193 H HA   . LYS A 1 13 ? 0.727   9.708   -3.023  1.00 0.00 ? 13 LYS A HA   1 
ATOM   194 H HB2  . LYS A 1 13 ? 1.878   11.714  -2.737  1.00 0.00 ? 13 LYS A HB2  1 
ATOM   195 H HB3  . LYS A 1 13 ? 3.335   10.956  -2.155  1.00 0.00 ? 13 LYS A HB3  1 
ATOM   196 H HG2  . LYS A 1 13 ? 3.649   11.981  -4.363  1.00 0.00 ? 13 LYS A HG2  1 
ATOM   197 H HG3  . LYS A 1 13 ? 3.980   10.266  -4.426  1.00 0.00 ? 13 LYS A HG3  1 
ATOM   198 H HD2  . LYS A 1 13 ? 1.666   9.878   -5.451  1.00 0.00 ? 13 LYS A HD2  1 
ATOM   199 H HD3  . LYS A 1 13 ? 1.385   11.622  -5.412  1.00 0.00 ? 13 LYS A HD3  1 
ATOM   200 H HE2  . LYS A 1 13 ? 3.391   11.979  -6.929  1.00 0.00 ? 13 LYS A HE2  1 
ATOM   201 H HE3  . LYS A 1 13 ? 3.698   10.240  -6.949  1.00 0.00 ? 13 LYS A HE3  1 
ATOM   202 H HZ2  . LYS A 1 13 ? 1.551   9.902   -7.976  1.00 0.00 ? 13 LYS A HZ2  1 
ATOM   203 H HZ3  . LYS A 1 13 ? 2.476   10.905  -8.875  1.00 0.00 ? 13 LYS A HZ3  1 
ATOM   204 N N    . ALA A 1 14 ? 1.338   7.140   -3.010  1.00 0.00 ? 14 ALA A N    1 
ATOM   205 C CA   . ALA A 1 14 ? 1.622   5.739   -3.460  1.00 0.00 ? 14 ALA A CA   1 
ATOM   206 C C    . ALA A 1 14 ? 2.943   5.078   -2.917  1.00 0.00 ? 14 ALA A C    1 
ATOM   207 O O    . ALA A 1 14 ? 3.562   4.249   -3.589  1.00 0.00 ? 14 ALA A O    1 
ATOM   208 C CB   . ALA A 1 14 ? 1.453   5.642   -4.993  1.00 0.00 ? 14 ALA A CB   1 
ATOM   209 H H    . ALA A 1 14 ? 0.489   7.359   -2.480  1.00 0.00 ? 14 ALA A H    1 
ATOM   210 H HA   . ALA A 1 14 ? 0.810   5.124   -3.033  1.00 0.00 ? 14 ALA A HA   1 
ATOM   211 H HB1  . ALA A 1 14 ? 2.194   6.253   -5.538  1.00 0.00 ? 14 ALA A HB1  1 
ATOM   212 H HB2  . ALA A 1 14 ? 1.560   4.602   -5.352  1.00 0.00 ? 14 ALA A HB2  1 
ATOM   213 H HB3  . ALA A 1 14 ? 0.452   5.983   -5.317  1.00 0.00 ? 14 ALA A HB3  1 
ATOM   214 N N    . ASP A 1 15 ? 3.330   5.428   -1.667  1.00 0.00 ? 15 ASP A N    1 
ATOM   215 C CA   . ASP A 1 15 ? 4.540   4.935   -0.960  1.00 0.00 ? 15 ASP A CA   1 
ATOM   216 C C    . ASP A 1 15 ? 5.839   5.393   -1.655  1.00 0.00 ? 15 ASP A C    1 
ATOM   217 O O    . ASP A 1 15 ? 6.460   4.643   -2.415  1.00 0.00 ? 15 ASP A O    1 
ATOM   218 C CB   . ASP A 1 15 ? 4.437   3.427   -0.589  1.00 0.00 ? 15 ASP A CB   1 
ATOM   219 C CG   . ASP A 1 15 ? 5.518   2.910   0.370   1.00 0.00 ? 15 ASP A CG   1 
ATOM   220 O OD1  . ASP A 1 15 ? 5.518   3.137   1.579   1.00 0.00 ? 15 ASP A OD1  1 
ATOM   221 O OD2  . ASP A 1 15 ? 6.471   2.169   -0.279  1.00 0.00 ? 15 ASP A OD2  1 
ATOM   222 H H    . ASP A 1 15 ? 2.820   6.239   -1.297  1.00 0.00 ? 15 ASP A H    1 
ATOM   223 H HA   . ASP A 1 15 ? 4.519   5.524   -0.043  1.00 0.00 ? 15 ASP A HA   1 
ATOM   224 H HB2  . ASP A 1 15 ? 3.458   3.230   -0.113  1.00 0.00 ? 15 ASP A HB2  1 
ATOM   225 H HB3  . ASP A 1 15 ? 4.431   2.809   -1.507  1.00 0.00 ? 15 ASP A HB3  1 
ATOM   226 H HD2  . ASP A 1 15 ? 7.146   1.846   0.323   1.00 0.00 ? 15 ASP A HD2  1 
ATOM   227 N N    . ARG A 1 16 ? 6.225   6.651   -1.335  1.00 0.00 ? 16 ARG A N    1 
ATOM   228 C CA   . ARG A 1 16 ? 7.436   7.338   -1.886  1.00 0.00 ? 16 ARG A CA   1 
ATOM   229 C C    . ARG A 1 16 ? 7.556   7.307   -3.451  1.00 0.00 ? 16 ARG A C    1 
ATOM   230 O O    . ARG A 1 16 ? 8.656   7.343   -4.010  1.00 0.00 ? 16 ARG A O    1 
ATOM   231 C CB   . ARG A 1 16 ? 8.765   7.031   -1.129  1.00 0.00 ? 16 ARG A CB   1 
ATOM   232 C CG   . ARG A 1 16 ? 9.306   5.583   -1.059  1.00 0.00 ? 16 ARG A CG   1 
ATOM   233 C CD   . ARG A 1 16 ? 8.911   4.838   0.234   1.00 0.00 ? 16 ARG A CD   1 
ATOM   234 N NE   . ARG A 1 16 ? 9.464   3.463   0.258   1.00 0.00 ? 16 ARG A NE   1 
ATOM   235 C CZ   . ARG A 1 16 ? 9.379   2.625   1.309   1.00 0.00 ? 16 ARG A CZ   1 
ATOM   236 N NH1  . ARG A 1 16 ? 8.794   2.937   2.465   1.00 0.00 ? 16 ARG A NH1  1 
ATOM   237 N NH2  . ARG A 1 16 ? 9.907   1.421   1.187   1.00 0.00 ? 16 ARG A NH2  1 
ATOM   238 H H    . ARG A 1 16 ? 5.500   7.158   -0.810  1.00 0.00 ? 16 ARG A H    1 
ATOM   239 H HA   . ARG A 1 16 ? 7.248   8.406   -1.672  1.00 0.00 ? 16 ARG A HA   1 
ATOM   240 H HB2  . ARG A 1 16 ? 9.555   7.653   -1.591  1.00 0.00 ? 16 ARG A HB2  1 
ATOM   241 H HB3  . ARG A 1 16 ? 8.702   7.448   -0.108  1.00 0.00 ? 16 ARG A HB3  1 
ATOM   242 H HG2  . ARG A 1 16 ? 9.002   5.016   -1.959  1.00 0.00 ? 16 ARG A HG2  1 
ATOM   243 H HG3  . ARG A 1 16 ? 10.411  5.625   -1.110  1.00 0.00 ? 16 ARG A HG3  1 
ATOM   244 H HD2  . ARG A 1 16 ? 9.276   5.405   1.111   1.00 0.00 ? 16 ARG A HD2  1 
ATOM   245 H HD3  . ARG A 1 16 ? 7.812   4.795   0.332   1.00 0.00 ? 16 ARG A HD3  1 
ATOM   246 H HH11 . ARG A 1 16 ? 8.390   3.877   2.537   1.00 0.00 ? 16 ARG A HH11 1 
ATOM   247 H HH12 . ARG A 1 16 ? 8.794   2.211   3.190   1.00 0.00 ? 16 ARG A HH12 1 
ATOM   248 H HH21 . ARG A 1 16 ? 10.352  1.204   0.289   1.00 0.00 ? 16 ARG A HH21 1 
ATOM   249 H HH22 . ARG A 1 16 ? 9.829   0.801   2.001   1.00 0.00 ? 16 ARG A HH22 1 
ATOM   250 N N    . TYR A 1 17 ? 6.388   7.296   -4.129  1.00 0.00 ? 17 TYR A N    1 
ATOM   251 C CA   . TYR A 1 17 ? 6.312   7.264   -5.613  1.00 0.00 ? 17 TYR A CA   1 
ATOM   252 C C    . TYR A 1 17 ? 6.631   8.652   -6.250  1.00 0.00 ? 17 TYR A C    1 
ATOM   253 O O    . TYR A 1 17 ? 6.077   9.680   -5.845  1.00 0.00 ? 17 TYR A O    1 
ATOM   254 C CB   . TYR A 1 17 ? 4.947   6.704   -6.064  1.00 0.00 ? 17 TYR A CB   1 
ATOM   255 C CG   . TYR A 1 17 ? 4.817   6.331   -7.554  1.00 0.00 ? 17 TYR A CG   1 
ATOM   256 C CD1  . TYR A 1 17 ? 5.301   5.102   -8.018  1.00 0.00 ? 17 TYR A CD1  1 
ATOM   257 C CD2  . TYR A 1 17 ? 4.219   7.216   -8.457  1.00 0.00 ? 17 TYR A CD2  1 
ATOM   258 C CE1  . TYR A 1 17 ? 5.193   4.767   -9.366  1.00 0.00 ? 17 TYR A CE1  1 
ATOM   259 C CE2  . TYR A 1 17 ? 4.114   6.881   -9.806  1.00 0.00 ? 17 TYR A CE2  1 
ATOM   260 C CZ   . TYR A 1 17 ? 4.599   5.657   -10.260 1.00 0.00 ? 17 TYR A CZ   1 
ATOM   261 O OH   . TYR A 1 17 ? 4.494   5.327   -11.587 1.00 0.00 ? 17 TYR A OH   1 
ATOM   262 H H    . TYR A 1 17 ? 5.631   6.974   -3.485  1.00 0.00 ? 17 TYR A H    1 
ATOM   263 H HA   . TYR A 1 17 ? 7.026   6.508   -5.947  1.00 0.00 ? 17 TYR A HA   1 
ATOM   264 H HB2  . TYR A 1 17 ? 4.679   5.817   -5.459  1.00 0.00 ? 17 TYR A HB2  1 
ATOM   265 H HB3  . TYR A 1 17 ? 4.198   7.455   -5.803  1.00 0.00 ? 17 TYR A HB3  1 
ATOM   266 H HD1  . TYR A 1 17 ? 5.767   4.404   -7.336  1.00 0.00 ? 17 TYR A HD1  1 
ATOM   267 H HD2  . TYR A 1 17 ? 3.841   8.172   -8.123  1.00 0.00 ? 17 TYR A HD2  1 
ATOM   268 H HE1  . TYR A 1 17 ? 5.570   3.817   -9.714  1.00 0.00 ? 17 TYR A HE1  1 
ATOM   269 H HE2  . TYR A 1 17 ? 3.655   7.575   -10.497 1.00 0.00 ? 17 TYR A HE2  1 
ATOM   270 H HH   . TYR A 1 17 ? 4.876   4.457   -11.725 1.00 0.00 ? 17 TYR A HH   1 
ATOM   271 N N    . LYS A 1 18 ? 7.505   8.648   -7.275  1.00 0.00 ? 18 LYS A N    1 
ATOM   272 C CA   . LYS A 1 18 ? 7.908   9.869   -8.012  1.00 0.00 ? 18 LYS A CA   1 
ATOM   273 C C    . LYS A 1 18 ? 6.819   10.290  -9.047  1.00 0.00 ? 18 LYS A C    1 
ATOM   274 O O    . LYS A 1 18 ? 6.371   9.479   -9.865  1.00 0.00 ? 18 LYS A O    1 
ATOM   275 C CB   . LYS A 1 18 ? 9.291   9.609   -8.669  1.00 0.00 ? 18 LYS A CB   1 
ATOM   276 C CG   . LYS A 1 18 ? 9.965   10.856  -9.284  1.00 0.00 ? 18 LYS A CG   1 
ATOM   277 C CD   . LYS A 1 18 ? 11.375  10.566  -9.835  1.00 0.00 ? 18 LYS A CD   1 
ATOM   278 C CE   . LYS A 1 18 ? 12.016  11.797  -10.499 1.00 0.00 ? 18 LYS A CE   1 
ATOM   279 N NZ   . LYS A 1 18 ? 13.351  11.485  -11.037 1.00 0.00 ? 18 LYS A NZ   1 
ATOM   280 H H    . LYS A 1 18 ? 7.982   7.762   -7.440  1.00 0.00 ? 18 LYS A H    1 
ATOM   281 H HA   . LYS A 1 18 ? 8.059   10.657  -7.255  1.00 0.00 ? 18 LYS A HA   1 
ATOM   282 H HB2  . LYS A 1 18 ? 9.983   9.193   -7.909  1.00 0.00 ? 18 LYS A HB2  1 
ATOM   283 H HB3  . LYS A 1 18 ? 9.201   8.821   -9.442  1.00 0.00 ? 18 LYS A HB3  1 
ATOM   284 H HG2  . LYS A 1 18 ? 9.328   11.257  -10.096 1.00 0.00 ? 18 LYS A HG2  1 
ATOM   285 H HG3  . LYS A 1 18 ? 10.025  11.659  -8.524  1.00 0.00 ? 18 LYS A HG3  1 
ATOM   286 H HD2  . LYS A 1 18 ? 12.022  10.203  -9.014  1.00 0.00 ? 18 LYS A HD2  1 
ATOM   287 H HD3  . LYS A 1 18 ? 11.318  9.735   -10.564 1.00 0.00 ? 18 LYS A HD3  1 
ATOM   288 H HE2  . LYS A 1 18 ? 11.376  12.170  -11.322 1.00 0.00 ? 18 LYS A HE2  1 
ATOM   289 H HE3  . LYS A 1 18 ? 12.103  12.627  -9.773  1.00 0.00 ? 18 LYS A HE3  1 
ATOM   290 H HZ2  . LYS A 1 18 ? 13.277  10.768  -11.768 1.00 0.00 ? 18 LYS A HZ2  1 
ATOM   291 H HZ3  . LYS A 1 18 ? 13.746  12.311  -11.500 1.00 0.00 ? 18 LYS A HZ3  1 
ATOM   292 N N    . SER A 1 19 ? 6.428   11.578  -9.006  1.00 0.00 ? 19 SER A N    1 
ATOM   293 C CA   . SER A 1 19 ? 5.415   12.155  -9.932  1.00 0.00 ? 19 SER A CA   1 
ATOM   294 C C    . SER A 1 19 ? 5.970   12.358  -11.372 1.00 0.00 ? 19 SER A C    1 
ATOM   295 O O    . SER A 1 19 ? 7.064   12.904  -11.554 1.00 0.00 ? 19 SER A O    1 
ATOM   296 C CB   . SER A 1 19 ? 4.867   13.481  -9.350  1.00 0.00 ? 19 SER A CB   1 
ATOM   297 O OG   . SER A 1 19 ? 5.873   14.483  -9.226  1.00 0.00 ? 19 SER A OG   1 
ATOM   298 H H    . SER A 1 19 ? 6.884   12.144  -8.282  1.00 0.00 ? 19 SER A H    1 
ATOM   299 H HA   . SER A 1 19 ? 4.553   11.456  -9.957  1.00 0.00 ? 19 SER A HA   1 
ATOM   300 H HB2  . SER A 1 19 ? 4.051   13.867  -9.988  1.00 0.00 ? 19 SER A HB2  1 
ATOM   301 H HB3  . SER A 1 19 ? 4.407   13.311  -8.360  1.00 0.00 ? 19 SER A HB3  1 
ATOM   302 H HG   . SER A 1 19 ? 6.529   14.127  -8.622  1.00 0.00 ? 19 SER A HG   1 
ATOM   303 N N    . HIS A 1 20 ? 5.196   11.912  -12.379 1.00 0.00 ? 20 HIS A N    1 
ATOM   304 C CA   . HIS A 1 20 ? 5.581   12.027  -13.813 1.00 0.00 ? 20 HIS A CA   1 
ATOM   305 C C    . HIS A 1 20 ? 4.329   12.473  -14.614 1.00 0.00 ? 20 HIS A C    1 
ATOM   306 O O    . HIS A 1 20 ? 3.336   11.752  -14.733 1.00 0.00 ? 20 HIS A O    1 
ATOM   307 C CB   . HIS A 1 20 ? 6.154   10.692  -14.370 1.00 0.00 ? 20 HIS A CB   1 
ATOM   308 C CG   . HIS A 1 20 ? 7.462   10.219  -13.724 1.00 0.00 ? 20 HIS A CG   1 
ATOM   309 N ND1  . HIS A 1 20 ? 8.681   10.882  -13.839 1.00 0.00 ? 20 HIS A ND1  1 
ATOM   310 C CD2  . HIS A 1 20 ? 7.590   9.078   -12.909 1.00 0.00 ? 20 HIS A CD2  1 
ATOM   311 C CE1  . HIS A 1 20 ? 9.446   10.055  -13.052 1.00 0.00 ? 20 HIS A CE1  1 
ATOM   312 N NE2  . HIS A 1 20 ? 8.889   8.954   -12.461 1.00 0.00 ? 20 HIS A NE2  1 
ATOM   313 H H    . HIS A 1 20 ? 4.312   11.478  -12.088 1.00 0.00 ? 20 HIS A H    1 
ATOM   314 H HA   . HIS A 1 20 ? 6.373   12.795  -13.935 1.00 0.00 ? 20 HIS A HA   1 
ATOM   315 H HB2  . HIS A 1 20 ? 5.390   9.892   -14.294 1.00 0.00 ? 20 HIS A HB2  1 
ATOM   316 H HB3  . HIS A 1 20 ? 6.334   10.799  -15.456 1.00 0.00 ? 20 HIS A HB3  1 
ATOM   317 H HD2  . HIS A 1 20 ? 6.788   8.402   -12.651 1.00 0.00 ? 20 HIS A HD2  1 
ATOM   318 H HE1  . HIS A 1 20 ? 10.494  10.269  -12.911 1.00 0.00 ? 20 HIS A HE1  1 
ATOM   319 H HE2  . HIS A 1 20 ? 9.313   8.246   -11.852 1.00 0.00 ? 20 HIS A HE2  1 
HETATM 320 N N    . NH2 A 1 21 ? 4.342   13.670  -15.186 1.00 0.00 ? 21 NH2 A N    1 
HETATM 321 H HN1  . NH2 A 1 21 ? 3.502   13.937  -15.711 1.00 0.00 ? 21 NH2 A HN1  1 
HETATM 322 H HN2  . NH2 A 1 21 ? 5.192   14.231  -15.060 1.00 0.00 ? 21 NH2 A HN2  1 
# 
